data_7S58
#
_entry.id   7S58
#
_cell.length_a   58.025
_cell.length_b   64.415
_cell.length_c   181.432
_cell.angle_alpha   90.000
_cell.angle_beta   90.000
_cell.angle_gamma   90.000
#
_symmetry.space_group_name_H-M   'P 21 21 21'
#
loop_
_entity.id
_entity.type
_entity.pdbx_description
1 polymer 'Evasin P974'
2 polymer 'C-C motif chemokine 7'
3 water water
#
loop_
_entity_poly.entity_id
_entity_poly.type
_entity_poly.pdbx_seq_one_letter_code
_entity_poly.pdbx_strand_id
1 'polypeptide(L)'
;DYDYGTDTCPFPVLANKTNKAKFVGCHQKCNGGDQKLTDGTACYVVERKVWDRMTPMLWYECPLGECKNGVCEDLRKKED
CRKGN
;
A,B,C,D
2 'polypeptide(L)' QPVGINTSTTCCYRFINKKIPKQRLESYRRTTSSHCPREAVIFKTKLDKEICADPTQKWVQDFMKHLDKKTQTPKL E,F,J,H
#
# COMPACT_ATOMS: atom_id res chain seq x y z
N TYR A 2 -7.96 -14.73 33.10
CA TYR A 2 -7.24 -15.20 31.92
C TYR A 2 -6.10 -14.24 31.55
N ASP A 3 -4.91 -14.81 31.32
CA ASP A 3 -3.70 -14.05 31.00
C ASP A 3 -3.58 -13.77 29.51
N TYR A 4 -3.99 -12.57 29.09
CA TYR A 4 -3.75 -12.14 27.71
C TYR A 4 -2.35 -11.56 27.51
N GLY A 5 -1.57 -11.41 28.56
CA GLY A 5 -0.28 -10.74 28.48
C GLY A 5 -0.42 -9.24 28.67
N THR A 6 0.72 -8.58 28.86
CA THR A 6 0.73 -7.15 29.15
C THR A 6 1.27 -6.32 28.00
N ASP A 7 1.51 -6.95 26.85
CA ASP A 7 2.05 -6.25 25.69
C ASP A 7 1.18 -6.46 24.45
N THR A 8 -0.06 -6.91 24.62
CA THR A 8 -0.89 -7.28 23.49
C THR A 8 -2.02 -6.30 23.22
N CYS A 9 -2.04 -5.15 23.90
CA CYS A 9 -3.09 -4.16 23.65
C CYS A 9 -2.72 -3.29 22.44
N PRO A 10 -3.69 -2.90 21.63
CA PRO A 10 -3.42 -1.92 20.58
C PRO A 10 -2.92 -0.63 21.20
N PHE A 11 -1.98 0.03 20.52
CA PHE A 11 -1.26 1.17 21.07
C PHE A 11 -1.53 2.41 20.22
N PRO A 12 -1.80 3.56 20.83
CA PRO A 12 -2.19 4.73 20.04
C PRO A 12 -1.07 5.17 19.09
N VAL A 13 -1.49 5.64 17.93
CA VAL A 13 -0.58 6.20 16.93
C VAL A 13 -1.15 7.50 16.37
N LEU A 14 -0.27 8.22 15.67
CA LEU A 14 -0.63 9.30 14.78
C LEU A 14 0.03 9.04 13.43
N ALA A 15 -0.56 9.58 12.37
CA ALA A 15 -0.07 9.37 11.03
C ALA A 15 0.55 10.68 10.54
N ASN A 16 1.62 10.56 9.78
CA ASN A 16 2.35 11.69 9.22
C ASN A 16 2.09 11.80 7.72
N LYS A 17 2.85 12.66 7.06
CA LYS A 17 2.72 12.89 5.62
C LYS A 17 3.15 11.68 4.81
N THR A 18 3.84 10.72 5.40
CA THR A 18 4.24 9.51 4.67
C THR A 18 3.24 8.37 4.80
N ASN A 19 2.11 8.58 5.49
CA ASN A 19 1.18 7.50 5.76
C ASN A 19 1.91 6.33 6.41
N LYS A 20 2.82 6.66 7.32
CA LYS A 20 3.49 5.69 8.18
C LYS A 20 3.23 6.16 9.60
N ALA A 21 2.65 5.28 10.41
CA ALA A 21 2.25 5.66 11.76
C ALA A 21 3.43 5.57 12.72
N LYS A 22 3.42 6.49 13.71
CA LYS A 22 4.34 6.44 14.83
C LYS A 22 3.55 6.40 16.13
N PHE A 23 4.09 5.69 17.11
CA PHE A 23 3.39 5.50 18.37
C PHE A 23 3.40 6.79 19.19
N VAL A 24 2.36 6.96 20.01
CA VAL A 24 2.15 8.14 20.86
C VAL A 24 2.59 7.78 22.27
N GLY A 25 3.65 8.43 22.75
CA GLY A 25 4.26 8.02 24.00
C GLY A 25 4.95 6.68 23.80
N CYS A 26 5.45 6.13 24.90
CA CYS A 26 6.22 4.90 24.85
C CYS A 26 5.73 3.90 25.89
N HIS A 27 4.63 4.19 26.59
CA HIS A 27 4.04 3.26 27.54
C HIS A 27 2.55 3.50 27.68
N GLN A 28 1.83 2.46 28.09
CA GLN A 28 0.45 2.57 28.53
C GLN A 28 0.16 1.36 29.39
N LYS A 29 -0.93 1.44 30.16
CA LYS A 29 -1.41 0.29 30.91
C LYS A 29 -2.07 -0.71 29.98
N CYS A 30 -1.76 -1.99 30.16
CA CYS A 30 -2.29 -3.06 29.31
C CYS A 30 -2.48 -4.32 30.15
N ASN A 31 -3.75 -4.73 30.32
CA ASN A 31 -4.09 -5.95 31.04
C ASN A 31 -3.41 -5.99 32.40
N GLY A 32 -3.49 -4.86 33.11
CA GLY A 32 -2.91 -4.77 34.44
C GLY A 32 -1.41 -4.58 34.49
N GLY A 33 -0.73 -4.45 33.36
CA GLY A 33 0.71 -4.27 33.35
C GLY A 33 1.19 -3.02 32.66
N ASP A 34 2.50 -2.93 32.45
CA ASP A 34 3.11 -1.81 31.75
C ASP A 34 3.57 -2.31 30.39
N GLN A 35 3.03 -1.71 29.34
CA GLN A 35 3.34 -2.07 27.96
C GLN A 35 4.32 -1.05 27.42
N LYS A 36 5.56 -1.46 27.20
CA LYS A 36 6.64 -0.58 26.78
C LYS A 36 7.10 -0.90 25.36
N LEU A 37 7.35 0.14 24.58
CA LEU A 37 7.99 0.02 23.28
C LEU A 37 9.49 -0.19 23.45
N THR A 38 10.14 -0.71 22.40
CA THR A 38 11.58 -0.95 22.47
C THR A 38 12.34 0.38 22.47
N ASP A 39 13.50 0.39 23.13
CA ASP A 39 14.32 1.60 23.21
C ASP A 39 14.74 2.07 21.82
N GLY A 40 14.63 3.38 21.62
CA GLY A 40 15.00 3.99 20.37
C GLY A 40 13.86 4.21 19.42
N THR A 41 12.71 3.59 19.67
CA THR A 41 11.59 3.71 18.72
C THR A 41 11.13 5.15 18.63
N ALA A 42 10.96 5.61 17.41
CA ALA A 42 10.39 6.92 17.18
C ALA A 42 9.03 6.99 17.85
N CYS A 43 8.74 8.11 18.48
CA CYS A 43 7.50 8.28 19.19
C CYS A 43 7.14 9.75 19.12
N TYR A 44 5.87 10.07 19.32
CA TYR A 44 5.41 11.45 19.45
C TYR A 44 5.31 11.78 20.93
N VAL A 45 5.83 12.94 21.31
CA VAL A 45 5.83 13.34 22.70
C VAL A 45 4.47 14.00 22.94
N VAL A 46 3.42 13.19 23.01
CA VAL A 46 2.05 13.66 23.22
C VAL A 46 1.44 12.83 24.33
N GLU A 47 0.90 13.45 25.39
CA GLU A 47 0.39 12.46 26.35
C GLU A 47 -0.96 11.94 25.88
N ARG A 48 -1.34 10.81 26.47
CA ARG A 48 -2.56 10.12 26.07
C ARG A 48 -3.79 11.02 26.18
N LYS A 49 -3.89 11.82 27.25
CA LYS A 49 -5.08 12.67 27.43
C LYS A 49 -5.19 13.72 26.33
N VAL A 50 -4.07 14.25 25.86
CA VAL A 50 -4.11 15.20 24.75
C VAL A 50 -4.49 14.47 23.47
N TRP A 51 -3.87 13.31 23.23
CA TRP A 51 -4.21 12.50 22.06
C TRP A 51 -5.70 12.12 22.05
N ASP A 52 -6.27 11.83 23.22
CA ASP A 52 -7.69 11.50 23.27
C ASP A 52 -8.56 12.65 22.75
N ARG A 53 -8.12 13.90 22.93
CA ARG A 53 -8.97 15.05 22.64
C ARG A 53 -8.70 15.71 21.29
N MET A 54 -7.55 15.43 20.68
CA MET A 54 -7.12 16.16 19.50
C MET A 54 -8.13 16.00 18.35
N THR A 55 -8.22 17.07 17.56
CA THR A 55 -9.14 17.13 16.43
C THR A 55 -8.78 16.05 15.42
N PRO A 56 -9.68 15.12 15.11
CA PRO A 56 -9.34 14.03 14.19
C PRO A 56 -9.12 14.54 12.77
N MET A 57 -8.08 14.00 12.13
CA MET A 57 -7.76 14.22 10.71
C MET A 57 -7.31 15.64 10.42
N LEU A 58 -6.98 16.43 11.44
CA LEU A 58 -6.41 17.76 11.27
C LEU A 58 -4.91 17.68 11.40
N TRP A 59 -4.18 18.33 10.48
CA TRP A 59 -2.73 18.34 10.62
C TRP A 59 -2.32 19.24 11.78
N TYR A 60 -1.54 18.68 12.70
CA TYR A 60 -0.82 19.39 13.75
C TYR A 60 0.67 19.29 13.47
N GLU A 61 1.44 20.12 14.13
CA GLU A 61 2.90 19.95 14.17
C GLU A 61 3.22 19.21 15.45
N CYS A 62 3.72 18.00 15.31
CA CYS A 62 3.79 17.09 16.41
C CYS A 62 5.24 17.01 16.87
N PRO A 63 5.53 17.06 18.18
CA PRO A 63 6.93 16.93 18.63
C PRO A 63 7.40 15.47 18.56
N LEU A 64 8.58 15.27 17.99
CA LEU A 64 9.16 13.94 17.84
C LEU A 64 10.10 13.63 19.00
N GLY A 65 10.12 12.35 19.39
CA GLY A 65 11.00 11.91 20.43
C GLY A 65 11.54 10.51 20.20
N GLU A 66 12.22 9.99 21.21
CA GLU A 66 12.78 8.65 21.14
C GLU A 66 12.46 7.94 22.42
N CYS A 67 12.04 6.68 22.31
CA CYS A 67 11.71 5.95 23.51
C CYS A 67 12.99 5.67 24.29
N LYS A 68 12.93 5.87 25.60
CA LYS A 68 13.98 5.47 26.52
C LYS A 68 13.31 5.00 27.80
N ASN A 69 13.44 3.70 28.10
CA ASN A 69 12.80 3.08 29.26
C ASN A 69 11.33 3.46 29.38
N GLY A 70 10.61 3.36 28.27
CA GLY A 70 9.17 3.59 28.29
C GLY A 70 8.72 5.04 28.33
N VAL A 71 9.62 6.00 28.16
CA VAL A 71 9.27 7.42 28.15
C VAL A 71 9.70 8.02 26.82
N CYS A 72 8.82 8.84 26.22
CA CYS A 72 9.16 9.48 24.94
C CYS A 72 9.99 10.73 25.24
N GLU A 73 11.31 10.60 25.11
CA GLU A 73 12.23 11.70 25.37
C GLU A 73 12.27 12.65 24.18
N ASP A 74 12.19 13.95 24.46
CA ASP A 74 12.07 14.93 23.39
C ASP A 74 13.36 15.06 22.58
N LEU A 75 13.21 15.09 21.26
CA LEU A 75 14.35 15.28 20.36
C LEU A 75 14.40 16.68 19.78
N ARG A 76 13.46 17.55 20.14
CA ARG A 76 13.42 18.92 19.64
C ARG A 76 13.39 18.93 18.11
N LYS A 77 12.56 18.04 17.57
CA LYS A 77 12.26 17.99 16.16
C LYS A 77 10.76 17.81 16.05
N LYS A 78 10.19 18.22 14.92
CA LYS A 78 8.76 18.17 14.72
C LYS A 78 8.44 17.71 13.30
N GLU A 79 7.26 17.13 13.14
CA GLU A 79 6.70 16.87 11.82
C GLU A 79 5.19 16.95 11.94
N ASP A 80 4.55 17.22 10.80
CA ASP A 80 3.10 17.23 10.76
C ASP A 80 2.57 15.84 11.05
N CYS A 81 1.54 15.74 11.89
CA CYS A 81 0.89 14.45 12.01
C CYS A 81 -0.58 14.66 12.29
N ARG A 82 -1.35 13.58 12.22
CA ARG A 82 -2.79 13.68 12.43
C ARG A 82 -3.33 12.37 12.96
N LYS A 83 -4.47 12.48 13.65
CA LYS A 83 -5.17 11.35 14.25
C LYS A 83 -6.28 10.85 13.34
N GLY A 84 -6.37 9.53 13.20
CA GLY A 84 -7.34 8.94 12.30
C GLY A 84 -8.76 9.07 12.84
N ASN A 85 -9.71 8.64 12.01
CA ASN A 85 -11.12 8.61 12.42
C ASN A 85 -11.31 7.62 13.56
N TYR B 2 -16.23 30.46 -14.14
CA TYR B 2 -15.45 29.30 -13.67
C TYR B 2 -16.36 28.08 -13.62
N ASP B 3 -16.69 27.46 -14.77
CA ASP B 3 -17.58 26.31 -14.74
C ASP B 3 -16.62 25.12 -14.53
N TYR B 4 -16.66 24.49 -13.36
CA TYR B 4 -15.68 23.43 -13.10
C TYR B 4 -15.93 22.12 -13.87
N GLY B 5 -16.96 22.07 -14.69
CA GLY B 5 -17.32 20.85 -15.38
C GLY B 5 -18.25 20.01 -14.53
N THR B 6 -18.87 19.03 -15.17
CA THR B 6 -19.88 18.22 -14.51
C THR B 6 -19.43 16.79 -14.24
N ASP B 7 -18.14 16.50 -14.46
CA ASP B 7 -17.60 15.16 -14.24
C ASP B 7 -16.41 15.21 -13.28
N THR B 8 -16.27 16.28 -12.51
CA THR B 8 -15.09 16.49 -11.67
C THR B 8 -15.39 16.32 -10.19
N CYS B 9 -16.61 15.90 -9.83
CA CYS B 9 -16.95 15.72 -8.41
C CYS B 9 -16.47 14.36 -7.91
N PRO B 10 -15.99 14.27 -6.66
CA PRO B 10 -15.73 12.95 -6.07
C PRO B 10 -17.01 12.12 -6.06
N PHE B 11 -16.86 10.81 -6.29
CA PHE B 11 -17.99 9.91 -6.50
C PHE B 11 -18.03 8.88 -5.39
N PRO B 12 -19.19 8.60 -4.80
CA PRO B 12 -19.24 7.65 -3.67
C PRO B 12 -18.76 6.28 -4.08
N VAL B 13 -18.07 5.61 -3.15
CA VAL B 13 -17.61 4.24 -3.33
C VAL B 13 -17.88 3.40 -2.09
N LEU B 14 -17.77 2.08 -2.29
CA LEU B 14 -17.66 1.09 -1.24
C LEU B 14 -16.47 0.20 -1.59
N ALA B 15 -15.87 -0.41 -0.57
CA ALA B 15 -14.71 -1.27 -0.74
C ALA B 15 -15.04 -2.70 -0.34
N ASN B 16 -14.40 -3.66 -0.99
CA ASN B 16 -14.64 -5.07 -0.69
C ASN B 16 -13.51 -5.62 0.20
N LYS B 17 -13.55 -6.94 0.46
CA LYS B 17 -12.57 -7.55 1.34
C LYS B 17 -11.17 -7.58 0.73
N THR B 18 -11.04 -7.32 -0.58
CA THR B 18 -9.77 -7.22 -1.27
C THR B 18 -9.24 -5.78 -1.30
N ASN B 19 -9.88 -4.85 -0.59
CA ASN B 19 -9.51 -3.42 -0.60
C ASN B 19 -9.50 -2.85 -2.02
N LYS B 20 -10.56 -3.16 -2.75
CA LYS B 20 -10.80 -2.59 -4.07
C LYS B 20 -12.11 -1.82 -4.01
N ALA B 21 -12.07 -0.56 -4.40
CA ALA B 21 -13.27 0.27 -4.39
C ALA B 21 -14.04 0.10 -5.69
N LYS B 22 -15.36 0.14 -5.59
CA LYS B 22 -16.24 0.24 -6.74
C LYS B 22 -17.22 1.37 -6.50
N PHE B 23 -17.63 2.01 -7.60
CA PHE B 23 -18.53 3.14 -7.49
C PHE B 23 -19.94 2.67 -7.11
N VAL B 24 -20.64 3.53 -6.39
CA VAL B 24 -21.99 3.25 -5.91
C VAL B 24 -22.95 3.89 -6.90
N GLY B 25 -23.70 3.07 -7.63
CA GLY B 25 -24.52 3.61 -8.69
C GLY B 25 -23.65 4.09 -9.85
N CYS B 26 -24.31 4.71 -10.83
CA CYS B 26 -23.63 5.08 -12.06
C CYS B 26 -23.83 6.53 -12.44
N HIS B 27 -24.50 7.32 -11.61
CA HIS B 27 -24.66 8.74 -11.89
C HIS B 27 -24.89 9.52 -10.60
N GLN B 28 -24.59 10.82 -10.64
CA GLN B 28 -24.95 11.71 -9.55
C GLN B 28 -24.99 13.15 -10.09
N LYS B 29 -25.62 14.04 -9.32
CA LYS B 29 -25.57 15.45 -9.68
C LYS B 29 -24.18 16.00 -9.39
N CYS B 30 -23.66 16.83 -10.31
CA CYS B 30 -22.33 17.39 -10.12
C CYS B 30 -22.28 18.79 -10.72
N ASN B 31 -22.09 19.79 -9.86
CA ASN B 31 -21.92 21.19 -10.29
C ASN B 31 -23.05 21.62 -11.22
N GLY B 32 -24.29 21.33 -10.80
CA GLY B 32 -25.46 21.70 -11.57
C GLY B 32 -25.75 20.84 -12.78
N GLY B 33 -24.93 19.82 -13.02
CA GLY B 33 -25.10 18.93 -14.16
C GLY B 33 -25.25 17.50 -13.72
N ASP B 34 -25.18 16.57 -14.67
CA ASP B 34 -25.24 15.14 -14.46
C ASP B 34 -23.87 14.50 -14.70
N GLN B 35 -23.38 13.77 -13.71
CA GLN B 35 -22.11 13.04 -13.81
C GLN B 35 -22.42 11.56 -14.02
N LYS B 36 -22.11 11.04 -15.20
CA LYS B 36 -22.39 9.64 -15.54
C LYS B 36 -21.09 8.87 -15.72
N LEU B 37 -21.03 7.68 -15.12
CA LEU B 37 -19.89 6.80 -15.38
C LEU B 37 -20.09 6.13 -16.75
N THR B 38 -18.98 5.68 -17.33
CA THR B 38 -19.05 5.11 -18.67
C THR B 38 -19.66 3.71 -18.65
N ASP B 39 -20.33 3.37 -19.76
CA ASP B 39 -20.92 2.04 -19.91
C ASP B 39 -19.84 0.99 -19.68
N GLY B 40 -20.20 -0.06 -18.95
CA GLY B 40 -19.27 -1.13 -18.64
C GLY B 40 -18.60 -1.00 -17.29
N THR B 41 -18.68 0.16 -16.64
CA THR B 41 -18.02 0.34 -15.35
C THR B 41 -18.67 -0.55 -14.28
N ALA B 42 -17.85 -1.32 -13.56
CA ALA B 42 -18.35 -2.08 -12.42
C ALA B 42 -18.90 -1.13 -11.36
N CYS B 43 -20.02 -1.51 -10.75
CA CYS B 43 -20.68 -0.65 -9.78
C CYS B 43 -21.41 -1.50 -8.76
N TYR B 44 -21.75 -0.88 -7.62
CA TYR B 44 -22.65 -1.48 -6.65
C TYR B 44 -24.05 -0.91 -6.88
N VAL B 45 -25.05 -1.78 -6.94
CA VAL B 45 -26.44 -1.35 -7.19
C VAL B 45 -27.07 -1.00 -5.83
N VAL B 46 -26.73 0.20 -5.36
CA VAL B 46 -27.15 0.71 -4.06
C VAL B 46 -27.67 2.14 -4.24
N GLU B 47 -28.83 2.45 -3.67
CA GLU B 47 -29.36 3.80 -3.77
C GLU B 47 -28.52 4.74 -2.90
N ARG B 48 -28.45 6.02 -3.31
CA ARG B 48 -27.64 6.99 -2.57
C ARG B 48 -28.13 7.11 -1.13
N LYS B 49 -29.45 7.09 -0.94
CA LYS B 49 -30.02 7.24 0.39
C LYS B 49 -29.62 6.08 1.30
N VAL B 50 -29.52 4.87 0.73
CA VAL B 50 -29.05 3.72 1.50
C VAL B 50 -27.57 3.88 1.84
N TRP B 51 -26.78 4.30 0.86
CA TRP B 51 -25.36 4.57 1.10
C TRP B 51 -25.16 5.62 2.17
N ASP B 52 -25.99 6.68 2.18
CA ASP B 52 -25.86 7.75 3.15
C ASP B 52 -26.09 7.27 4.58
N ARG B 53 -26.91 6.24 4.75
CA ARG B 53 -27.36 5.78 6.06
C ARG B 53 -26.54 4.59 6.59
N MET B 54 -25.73 3.99 5.74
CA MET B 54 -24.98 2.78 6.08
C MET B 54 -24.08 3.00 7.29
N THR B 55 -23.99 1.99 8.16
CA THR B 55 -23.02 2.02 9.26
C THR B 55 -21.61 1.92 8.68
N PRO B 56 -20.74 2.90 8.92
CA PRO B 56 -19.39 2.82 8.33
C PRO B 56 -18.58 1.68 8.93
N MET B 57 -17.79 1.04 8.08
CA MET B 57 -16.81 0.02 8.44
C MET B 57 -17.46 -1.29 8.87
N LEU B 58 -18.77 -1.44 8.65
CA LEU B 58 -19.48 -2.69 8.87
C LEU B 58 -19.61 -3.43 7.55
N TRP B 59 -19.27 -4.72 7.54
CA TRP B 59 -19.43 -5.51 6.32
C TRP B 59 -20.91 -5.73 6.02
N TYR B 60 -21.35 -5.34 4.81
CA TYR B 60 -22.65 -5.70 4.27
C TYR B 60 -22.46 -6.66 3.09
N GLU B 61 -23.55 -7.29 2.69
CA GLU B 61 -23.58 -8.08 1.46
C GLU B 61 -24.13 -7.18 0.35
N CYS B 62 -23.27 -6.89 -0.64
CA CYS B 62 -23.51 -5.83 -1.60
C CYS B 62 -23.82 -6.41 -2.97
N PRO B 63 -24.86 -5.93 -3.63
CA PRO B 63 -25.18 -6.42 -5.00
C PRO B 63 -24.31 -5.76 -6.06
N LEU B 64 -23.78 -6.60 -6.97
CA LEU B 64 -22.85 -6.18 -8.01
C LEU B 64 -23.59 -5.85 -9.30
N GLY B 65 -23.10 -4.82 -9.99
CA GLY B 65 -23.68 -4.45 -11.27
C GLY B 65 -22.69 -3.90 -12.28
N GLU B 66 -23.22 -3.46 -13.42
CA GLU B 66 -22.44 -2.85 -14.48
C GLU B 66 -23.23 -1.66 -15.04
N CYS B 67 -22.54 -0.54 -15.25
CA CYS B 67 -23.21 0.68 -15.71
C CYS B 67 -23.65 0.57 -17.16
N LYS B 68 -24.88 1.02 -17.42
CA LYS B 68 -25.39 1.20 -18.77
C LYS B 68 -26.29 2.42 -18.81
N ASN B 69 -25.87 3.43 -19.57
CA ASN B 69 -26.58 4.72 -19.65
C ASN B 69 -26.93 5.30 -18.29
N GLY B 70 -25.93 5.34 -17.41
CA GLY B 70 -26.10 5.98 -16.12
C GLY B 70 -26.85 5.17 -15.08
N VAL B 71 -27.15 3.90 -15.37
CA VAL B 71 -27.86 3.03 -14.44
C VAL B 71 -26.97 1.82 -14.15
N CYS B 72 -26.88 1.44 -12.88
CA CYS B 72 -26.14 0.25 -12.47
C CYS B 72 -27.04 -0.97 -12.67
N GLU B 73 -26.81 -1.68 -13.78
CA GLU B 73 -27.63 -2.83 -14.11
C GLU B 73 -27.21 -4.03 -13.27
N ASP B 74 -28.20 -4.70 -12.67
CA ASP B 74 -27.95 -5.78 -11.74
C ASP B 74 -27.38 -7.00 -12.45
N LEU B 75 -26.34 -7.60 -11.89
CA LEU B 75 -25.74 -8.80 -12.46
C LEU B 75 -26.10 -10.06 -11.69
N ARG B 76 -26.96 -9.96 -10.68
CA ARG B 76 -27.40 -11.11 -9.88
C ARG B 76 -26.19 -11.81 -9.26
N LYS B 77 -25.25 -11.03 -8.75
CA LYS B 77 -24.11 -11.52 -7.98
C LYS B 77 -23.89 -10.58 -6.81
N LYS B 78 -23.27 -11.08 -5.74
CA LYS B 78 -23.01 -10.26 -4.57
C LYS B 78 -21.61 -10.52 -4.03
N GLU B 79 -21.10 -9.53 -3.30
CA GLU B 79 -19.89 -9.67 -2.50
C GLU B 79 -20.02 -8.75 -1.30
N ASP B 80 -19.29 -9.07 -0.24
CA ASP B 80 -19.27 -8.21 0.94
C ASP B 80 -18.58 -6.90 0.61
N CYS B 81 -19.15 -5.78 1.09
CA CYS B 81 -18.44 -4.51 0.97
C CYS B 81 -18.77 -3.66 2.19
N ARG B 82 -18.04 -2.54 2.34
CA ARG B 82 -18.23 -1.65 3.48
C ARG B 82 -17.86 -0.21 3.10
N LYS B 83 -18.44 0.72 3.86
CA LYS B 83 -18.23 2.14 3.69
C LYS B 83 -17.15 2.64 4.64
N GLY B 84 -16.28 3.51 4.13
CA GLY B 84 -15.18 4.01 4.93
C GLY B 84 -15.65 4.94 6.03
N ASN B 85 -14.76 5.22 6.98
CA ASN B 85 -15.11 6.09 8.09
C ASN B 85 -15.08 7.56 7.67
N ASP C 1 -4.47 -5.83 -39.33
CA ASP C 1 -4.04 -5.00 -38.21
C ASP C 1 -5.21 -4.50 -37.36
N TYR C 2 -5.25 -4.93 -36.11
CA TYR C 2 -6.21 -4.39 -35.16
C TYR C 2 -5.75 -3.04 -34.63
N ASP C 3 -6.70 -2.11 -34.51
CA ASP C 3 -6.44 -0.75 -34.03
C ASP C 3 -6.52 -0.66 -32.51
N TYR C 4 -5.38 -0.85 -31.85
CA TYR C 4 -5.29 -0.64 -30.40
C TYR C 4 -5.15 0.83 -30.01
N GLY C 5 -5.03 1.74 -30.97
CA GLY C 5 -4.79 3.13 -30.67
C GLY C 5 -3.31 3.44 -30.50
N THR C 6 -2.99 4.74 -30.47
CA THR C 6 -1.61 5.18 -30.36
C THR C 6 -1.29 5.81 -29.01
N ASP C 7 -2.20 5.71 -28.04
CA ASP C 7 -1.97 6.29 -26.71
C ASP C 7 -2.16 5.26 -25.60
N THR C 8 -2.10 3.96 -25.93
CA THR C 8 -2.43 2.91 -24.97
C THR C 8 -1.22 2.09 -24.55
N CYS C 9 -0.02 2.49 -24.94
CA CYS C 9 1.19 1.75 -24.58
C CYS C 9 1.63 2.13 -23.17
N PRO C 10 2.14 1.17 -22.39
CA PRO C 10 2.79 1.54 -21.13
C PRO C 10 3.96 2.47 -21.40
N PHE C 11 4.15 3.44 -20.51
CA PHE C 11 5.09 4.54 -20.66
C PHE C 11 6.17 4.46 -19.56
N PRO C 12 7.45 4.64 -19.91
CA PRO C 12 8.52 4.47 -18.92
C PRO C 12 8.41 5.48 -17.78
N VAL C 13 8.73 5.01 -16.56
CA VAL C 13 8.74 5.87 -15.38
C VAL C 13 9.99 5.62 -14.53
N LEU C 14 10.24 6.58 -13.63
CA LEU C 14 11.15 6.45 -12.50
C LEU C 14 10.40 6.87 -11.23
N ALA C 15 10.82 6.31 -10.09
CA ALA C 15 10.17 6.55 -8.82
C ALA C 15 11.12 7.31 -7.89
N ASN C 16 10.56 8.17 -7.03
CA ASN C 16 11.37 8.95 -6.11
C ASN C 16 11.34 8.35 -4.70
N LYS C 17 11.94 9.05 -3.74
CA LYS C 17 12.03 8.55 -2.38
C LYS C 17 10.69 8.49 -1.67
N THR C 18 9.68 9.20 -2.19
CA THR C 18 8.32 9.16 -1.67
C THR C 18 7.48 8.07 -2.35
N ASN C 19 8.11 7.22 -3.16
CA ASN C 19 7.43 6.17 -3.91
C ASN C 19 6.33 6.71 -4.82
N LYS C 20 6.67 7.76 -5.55
CA LYS C 20 5.78 8.33 -6.57
C LYS C 20 6.49 8.25 -7.91
N ALA C 21 5.82 7.66 -8.90
CA ALA C 21 6.40 7.52 -10.22
C ALA C 21 6.13 8.79 -11.03
N LYS C 22 7.12 9.17 -11.83
CA LYS C 22 6.96 10.24 -12.81
C LYS C 22 7.42 9.70 -14.16
N PHE C 23 6.78 10.19 -15.22
CA PHE C 23 7.09 9.70 -16.56
C PHE C 23 8.44 10.20 -17.03
N VAL C 24 9.10 9.39 -17.85
CA VAL C 24 10.41 9.67 -18.43
C VAL C 24 10.18 10.24 -19.82
N GLY C 25 10.53 11.50 -20.03
CA GLY C 25 10.20 12.17 -21.26
C GLY C 25 8.72 12.43 -21.36
N CYS C 26 8.30 12.94 -22.51
CA CYS C 26 6.92 13.35 -22.71
C CYS C 26 6.30 12.80 -23.99
N HIS C 27 7.03 11.96 -24.73
CA HIS C 27 6.49 11.30 -25.90
C HIS C 27 7.26 10.00 -26.13
N GLN C 28 6.61 9.08 -26.83
CA GLN C 28 7.25 7.86 -27.32
C GLN C 28 6.42 7.32 -28.48
N LYS C 29 7.02 6.40 -29.22
CA LYS C 29 6.31 5.67 -30.26
C LYS C 29 5.36 4.65 -29.64
N CYS C 30 4.17 4.57 -30.20
CA CYS C 30 3.15 3.64 -29.69
C CYS C 30 2.31 3.16 -30.86
N ASN C 31 2.42 1.87 -31.18
CA ASN C 31 1.61 1.25 -32.22
C ASN C 31 1.68 2.06 -33.52
N GLY C 32 2.91 2.41 -33.88
CA GLY C 32 3.20 3.15 -35.10
C GLY C 32 2.89 4.63 -35.06
N GLY C 33 2.39 5.14 -33.93
CA GLY C 33 2.08 6.55 -33.84
C GLY C 33 2.85 7.25 -32.75
N ASP C 34 2.50 8.49 -32.46
CA ASP C 34 3.19 9.28 -31.44
C ASP C 34 2.28 9.41 -30.21
N GLN C 35 2.78 8.93 -29.08
CA GLN C 35 2.08 8.97 -27.80
C GLN C 35 2.66 10.12 -26.99
N LYS C 36 1.87 11.18 -26.80
CA LYS C 36 2.30 12.40 -26.13
C LYS C 36 1.60 12.56 -24.79
N LEU C 37 2.34 12.97 -23.76
CA LEU C 37 1.67 13.36 -22.53
C LEU C 37 1.13 14.79 -22.66
N THR C 38 0.15 15.12 -21.83
CA THR C 38 -0.49 16.43 -21.91
C THR C 38 0.44 17.51 -21.36
N ASP C 39 0.29 18.73 -21.89
CA ASP C 39 1.07 19.86 -21.42
C ASP C 39 0.91 20.01 -19.92
N GLY C 40 2.02 20.27 -19.22
CA GLY C 40 1.99 20.45 -17.79
C GLY C 40 2.32 19.21 -16.98
N THR C 41 2.37 18.04 -17.61
CA THR C 41 2.64 16.80 -16.88
C THR C 41 4.07 16.82 -16.34
N ALA C 42 4.22 16.54 -15.04
CA ALA C 42 5.55 16.39 -14.46
C ALA C 42 6.31 15.24 -15.11
N CYS C 43 7.59 15.45 -15.35
CA CYS C 43 8.40 14.45 -16.05
C CYS C 43 9.85 14.55 -15.60
N TYR C 44 10.60 13.49 -15.87
CA TYR C 44 12.05 13.50 -15.72
C TYR C 44 12.70 13.78 -17.07
N VAL C 45 13.66 14.69 -17.11
CA VAL C 45 14.35 15.05 -18.34
C VAL C 45 15.47 14.05 -18.57
N VAL C 46 15.11 12.85 -19.02
CA VAL C 46 16.04 11.75 -19.20
C VAL C 46 15.79 11.13 -20.56
N GLU C 47 16.86 10.95 -21.34
CA GLU C 47 16.68 10.35 -22.65
C GLU C 47 16.42 8.85 -22.52
N ARG C 48 15.68 8.31 -23.50
CA ARG C 48 15.30 6.90 -23.44
C ARG C 48 16.51 5.99 -23.41
N LYS C 49 17.55 6.30 -24.20
CA LYS C 49 18.73 5.46 -24.23
C LYS C 49 19.40 5.42 -22.86
N VAL C 50 19.39 6.55 -22.15
CA VAL C 50 19.97 6.59 -20.80
C VAL C 50 19.11 5.79 -19.83
N TRP C 51 17.77 5.96 -19.91
CA TRP C 51 16.88 5.21 -19.04
C TRP C 51 17.06 3.71 -19.25
N ASP C 52 17.23 3.28 -20.51
CA ASP C 52 17.41 1.86 -20.81
C ASP C 52 18.65 1.29 -20.13
N ARG C 53 19.67 2.11 -19.94
CA ARG C 53 20.98 1.67 -19.47
C ARG C 53 21.16 1.83 -17.96
N MET C 54 20.26 2.53 -17.28
CA MET C 54 20.44 2.80 -15.86
C MET C 54 20.50 1.52 -15.05
N THR C 55 21.34 1.51 -14.02
CA THR C 55 21.39 0.40 -13.07
C THR C 55 20.08 0.32 -12.30
N PRO C 56 19.37 -0.81 -12.33
CA PRO C 56 18.07 -0.86 -11.64
C PRO C 56 18.20 -0.70 -10.13
N MET C 57 17.27 0.05 -9.55
CA MET C 57 17.06 0.21 -8.11
C MET C 57 18.19 0.95 -7.41
N LEU C 58 19.08 1.58 -8.15
CA LEU C 58 20.09 2.45 -7.59
C LEU C 58 19.59 3.89 -7.66
N TRP C 59 19.70 4.60 -6.54
CA TRP C 59 19.31 6.00 -6.56
C TRP C 59 20.23 6.81 -7.45
N TYR C 60 19.65 7.55 -8.38
CA TYR C 60 20.32 8.57 -9.14
C TYR C 60 19.76 9.93 -8.74
N GLU C 61 20.49 10.99 -9.10
CA GLU C 61 19.98 12.35 -8.97
C GLU C 61 19.38 12.74 -10.31
N CYS C 62 18.06 12.91 -10.35
CA CYS C 62 17.34 13.01 -11.61
C CYS C 62 16.85 14.43 -11.86
N PRO C 63 17.03 14.96 -13.07
CA PRO C 63 16.53 16.31 -13.38
C PRO C 63 15.03 16.32 -13.61
N LEU C 64 14.35 17.29 -13.00
CA LEU C 64 12.90 17.40 -13.09
C LEU C 64 12.49 18.35 -14.20
N GLY C 65 11.40 18.02 -14.87
CA GLY C 65 10.87 18.87 -15.93
C GLY C 65 9.35 18.88 -15.99
N GLU C 66 8.83 19.54 -17.02
CA GLU C 66 7.41 19.68 -17.25
C GLU C 66 7.17 19.56 -18.75
N CYS C 67 6.12 18.82 -19.14
CA CYS C 67 5.85 18.59 -20.56
C CYS C 67 5.30 19.82 -21.24
N LYS C 68 5.83 20.11 -22.42
CA LYS C 68 5.27 21.14 -23.30
C LYS C 68 5.43 20.67 -24.73
N ASN C 69 4.30 20.51 -25.43
CA ASN C 69 4.27 20.01 -26.81
C ASN C 69 5.13 18.74 -26.97
N GLY C 70 4.94 17.80 -26.04
CA GLY C 70 5.59 16.50 -26.12
C GLY C 70 7.06 16.46 -25.71
N VAL C 71 7.60 17.54 -25.15
CA VAL C 71 8.99 17.59 -24.73
C VAL C 71 9.05 17.91 -23.25
N CYS C 72 9.92 17.22 -22.51
CA CYS C 72 10.10 17.48 -21.09
C CYS C 72 11.01 18.69 -20.93
N GLU C 73 10.42 19.85 -20.66
CA GLU C 73 11.19 21.07 -20.51
C GLU C 73 11.81 21.14 -19.11
N ASP C 74 13.11 21.39 -19.06
CA ASP C 74 13.85 21.31 -17.80
C ASP C 74 13.51 22.49 -16.90
N LEU C 75 13.29 22.20 -15.62
CA LEU C 75 12.97 23.22 -14.62
C LEU C 75 14.14 23.56 -13.71
N ARG C 76 15.33 23.02 -13.98
CA ARG C 76 16.52 23.29 -13.17
C ARG C 76 16.31 22.90 -11.72
N LYS C 77 15.67 21.75 -11.51
CA LYS C 77 15.49 21.15 -10.20
C LYS C 77 15.78 19.66 -10.30
N LYS C 78 16.18 19.06 -9.19
CA LYS C 78 16.51 17.65 -9.18
C LYS C 78 15.95 16.99 -7.92
N GLU C 79 15.74 15.68 -8.01
CA GLU C 79 15.44 14.83 -6.87
C GLU C 79 15.98 13.45 -7.15
N ASP C 80 16.22 12.68 -6.10
CA ASP C 80 16.66 11.30 -6.27
C ASP C 80 15.56 10.45 -6.90
N CYS C 81 15.95 9.61 -7.86
CA CYS C 81 14.99 8.64 -8.40
C CYS C 81 15.72 7.37 -8.79
N ARG C 82 14.91 6.34 -9.11
CA ARG C 82 15.40 5.02 -9.48
C ARG C 82 14.41 4.28 -10.37
N LYS C 83 14.98 3.33 -11.12
CA LYS C 83 14.26 2.47 -12.04
C LYS C 83 13.90 1.15 -11.36
N GLY C 84 12.68 0.68 -11.59
CA GLY C 84 12.17 -0.48 -10.88
C GLY C 84 12.80 -1.81 -11.24
N ASP D 1 28.00 -13.02 17.20
CA ASP D 1 28.02 -12.58 18.59
C ASP D 1 26.69 -12.98 19.25
N TYR D 2 26.73 -13.45 20.50
CA TYR D 2 25.50 -13.93 21.13
C TYR D 2 24.44 -12.86 21.19
N ASP D 3 24.84 -11.59 21.20
CA ASP D 3 23.86 -10.53 21.33
C ASP D 3 23.11 -10.27 20.04
N TYR D 4 23.51 -10.91 18.93
CA TYR D 4 22.70 -10.78 17.72
C TYR D 4 21.46 -11.65 17.79
N GLY D 5 21.45 -12.66 18.64
CA GLY D 5 20.35 -13.59 18.73
C GLY D 5 20.42 -14.62 17.62
N THR D 6 19.59 -15.67 17.75
CA THR D 6 19.53 -16.70 16.74
C THR D 6 18.23 -16.66 15.95
N ASP D 7 17.43 -15.59 16.08
CA ASP D 7 16.18 -15.45 15.36
C ASP D 7 16.16 -14.18 14.52
N THR D 8 17.33 -13.58 14.28
CA THR D 8 17.43 -12.29 13.63
C THR D 8 17.98 -12.37 12.21
N CYS D 9 18.16 -13.58 11.67
CA CYS D 9 18.62 -13.72 10.29
C CYS D 9 17.43 -13.57 9.33
N PRO D 10 17.62 -12.92 8.18
CA PRO D 10 16.55 -12.89 7.18
C PRO D 10 16.18 -14.30 6.73
N PHE D 11 14.88 -14.51 6.51
CA PHE D 11 14.32 -15.84 6.27
C PHE D 11 13.73 -15.91 4.87
N PRO D 12 13.98 -16.98 4.12
CA PRO D 12 13.47 -17.03 2.73
C PRO D 12 11.95 -16.96 2.68
N VAL D 13 11.43 -16.27 1.68
CA VAL D 13 10.01 -16.19 1.43
C VAL D 13 9.71 -16.44 -0.04
N LEU D 14 8.42 -16.68 -0.31
CA LEU D 14 7.83 -16.58 -1.64
C LEU D 14 6.61 -15.66 -1.54
N ALA D 15 6.27 -15.03 -2.65
CA ALA D 15 5.16 -14.10 -2.71
C ALA D 15 4.03 -14.69 -3.55
N ASN D 16 2.80 -14.39 -3.16
CA ASN D 16 1.61 -14.87 -3.84
C ASN D 16 0.95 -13.75 -4.65
N LYS D 17 -0.25 -14.03 -5.14
CA LYS D 17 -1.03 -13.08 -5.93
C LYS D 17 -1.53 -11.91 -5.11
N THR D 18 -1.47 -11.98 -3.78
CA THR D 18 -1.89 -10.88 -2.92
C THR D 18 -0.74 -9.91 -2.63
N ASN D 19 0.43 -10.12 -3.21
CA ASN D 19 1.62 -9.36 -2.86
C ASN D 19 1.87 -9.44 -1.35
N LYS D 20 1.69 -10.63 -0.80
CA LYS D 20 2.01 -10.93 0.59
C LYS D 20 2.99 -12.09 0.64
N ALA D 21 4.09 -11.91 1.35
CA ALA D 21 5.08 -12.96 1.43
C ALA D 21 4.72 -13.98 2.51
N LYS D 22 5.07 -15.24 2.25
CA LYS D 22 5.04 -16.28 3.26
C LYS D 22 6.39 -16.96 3.30
N PHE D 23 6.78 -17.40 4.48
CA PHE D 23 8.10 -18.02 4.69
C PHE D 23 8.17 -19.39 4.02
N VAL D 24 9.37 -19.74 3.60
CA VAL D 24 9.65 -21.02 2.94
C VAL D 24 10.19 -21.96 4.01
N GLY D 25 9.43 -23.01 4.33
CA GLY D 25 9.85 -23.87 5.42
C GLY D 25 9.71 -23.19 6.78
N CYS D 26 10.22 -23.87 7.81
CA CYS D 26 9.98 -23.42 9.18
C CYS D 26 11.23 -23.36 10.07
N HIS D 27 12.41 -23.63 9.54
CA HIS D 27 13.62 -23.45 10.32
C HIS D 27 14.78 -23.20 9.38
N GLN D 28 15.82 -22.58 9.92
CA GLN D 28 17.10 -22.47 9.25
C GLN D 28 18.16 -22.22 10.32
N LYS D 29 19.42 -22.42 9.94
CA LYS D 29 20.51 -22.07 10.82
C LYS D 29 20.69 -20.56 10.88
N CYS D 30 20.93 -20.04 12.08
CA CYS D 30 21.08 -18.60 12.23
C CYS D 30 22.07 -18.33 13.34
N ASN D 31 23.20 -17.71 12.98
CA ASN D 31 24.20 -17.27 13.94
C ASN D 31 24.63 -18.41 14.88
N GLY D 32 24.89 -19.57 14.28
CA GLY D 32 25.32 -20.70 15.06
C GLY D 32 24.23 -21.40 15.84
N GLY D 33 22.97 -20.96 15.70
CA GLY D 33 21.87 -21.57 16.39
C GLY D 33 20.79 -22.06 15.45
N ASP D 34 19.66 -22.48 16.00
CA ASP D 34 18.51 -22.94 15.21
C ASP D 34 17.43 -21.87 15.29
N GLN D 35 17.02 -21.37 14.13
CA GLN D 35 15.98 -20.36 14.03
C GLN D 35 14.69 -21.07 13.63
N LYS D 36 13.76 -21.22 14.56
CA LYS D 36 12.52 -21.93 14.28
C LYS D 36 11.37 -20.94 14.33
N LEU D 37 10.49 -21.00 13.33
CA LEU D 37 9.27 -20.20 13.45
C LEU D 37 8.31 -20.86 14.43
N THR D 38 7.45 -20.04 15.03
CA THR D 38 6.53 -20.55 16.03
C THR D 38 5.44 -21.40 15.37
N ASP D 39 4.96 -22.40 16.12
CA ASP D 39 3.91 -23.29 15.63
C ASP D 39 2.68 -22.53 15.14
N GLY D 40 2.12 -22.97 14.03
CA GLY D 40 0.95 -22.37 13.43
C GLY D 40 1.22 -21.40 12.30
N THR D 41 2.47 -20.96 12.15
CA THR D 41 2.83 -19.98 11.12
C THR D 41 2.59 -20.54 9.73
N ALA D 42 1.92 -19.74 8.88
CA ALA D 42 1.75 -20.11 7.49
C ALA D 42 3.11 -20.25 6.82
N CYS D 43 3.25 -21.27 5.96
CA CYS D 43 4.51 -21.51 5.30
C CYS D 43 4.26 -22.20 3.96
N TYR D 44 5.25 -22.15 3.09
CA TYR D 44 5.24 -22.92 1.84
C TYR D 44 6.03 -24.20 2.08
N VAL D 45 5.48 -25.33 1.64
CA VAL D 45 6.15 -26.61 1.87
C VAL D 45 7.14 -26.80 0.73
N VAL D 46 8.22 -26.03 0.76
CA VAL D 46 9.25 -26.07 -0.28
C VAL D 46 10.58 -26.20 0.43
N GLU D 47 11.39 -27.18 0.03
CA GLU D 47 12.64 -27.31 0.76
C GLU D 47 13.60 -26.22 0.30
N ARG D 48 14.55 -25.85 1.18
CA ARG D 48 15.47 -24.75 0.87
C ARG D 48 16.26 -25.01 -0.41
N LYS D 49 16.75 -26.24 -0.62
CA LYS D 49 17.54 -26.50 -1.82
C LYS D 49 16.73 -26.24 -3.08
N VAL D 50 15.42 -26.54 -3.04
CA VAL D 50 14.57 -26.28 -4.20
C VAL D 50 14.33 -24.78 -4.37
N TRP D 51 14.08 -24.07 -3.27
CA TRP D 51 13.89 -22.62 -3.33
C TRP D 51 15.11 -21.94 -3.92
N ASP D 52 16.31 -22.43 -3.59
CA ASP D 52 17.54 -21.85 -4.12
C ASP D 52 17.59 -21.93 -5.64
N ARG D 53 16.97 -22.96 -6.22
CA ARG D 53 17.09 -23.21 -7.65
C ARG D 53 15.91 -22.69 -8.47
N MET D 54 14.78 -22.39 -7.84
CA MET D 54 13.56 -22.02 -8.56
C MET D 54 13.81 -20.89 -9.54
N THR D 55 13.09 -20.95 -10.64
CA THR D 55 13.12 -19.92 -11.65
C THR D 55 12.63 -18.61 -11.02
N PRO D 56 13.44 -17.56 -10.99
CA PRO D 56 12.99 -16.31 -10.34
C PRO D 56 11.87 -15.68 -11.15
N MET D 57 10.85 -15.18 -10.43
CA MET D 57 9.76 -14.40 -10.99
C MET D 57 8.87 -15.22 -11.93
N LEU D 58 9.01 -16.53 -11.94
CA LEU D 58 8.09 -17.41 -12.66
C LEU D 58 7.05 -17.89 -11.68
N TRP D 59 5.78 -17.76 -12.02
CA TRP D 59 4.74 -18.28 -11.15
C TRP D 59 4.77 -19.81 -11.14
N TYR D 60 4.83 -20.38 -9.94
CA TYR D 60 4.57 -21.80 -9.68
C TYR D 60 3.29 -21.93 -8.88
N GLU D 61 2.78 -23.15 -8.78
CA GLU D 61 1.71 -23.48 -7.83
C GLU D 61 2.36 -24.11 -6.59
N CYS D 62 2.25 -23.42 -5.43
CA CYS D 62 2.97 -23.81 -4.23
C CYS D 62 2.07 -24.52 -3.23
N PRO D 63 2.64 -25.56 -2.62
CA PRO D 63 1.93 -26.25 -1.52
C PRO D 63 2.00 -25.43 -0.24
N LEU D 64 0.84 -25.27 0.40
CA LEU D 64 0.72 -24.51 1.61
C LEU D 64 0.77 -25.42 2.83
N GLY D 65 1.37 -24.92 3.91
CA GLY D 65 1.43 -25.64 5.16
C GLY D 65 1.36 -24.75 6.38
N GLU D 66 1.61 -25.32 7.56
CA GLU D 66 1.69 -24.59 8.82
C GLU D 66 2.86 -25.18 9.60
N CYS D 67 3.60 -24.31 10.30
CA CYS D 67 4.76 -24.77 11.05
C CYS D 67 4.37 -25.62 12.25
N LYS D 68 5.12 -26.71 12.46
CA LYS D 68 5.01 -27.55 13.65
C LYS D 68 6.41 -28.01 14.03
N ASN D 69 6.91 -27.54 15.17
CA ASN D 69 8.25 -27.88 15.66
C ASN D 69 9.30 -27.79 14.55
N GLY D 70 9.29 -26.67 13.84
CA GLY D 70 10.31 -26.45 12.82
C GLY D 70 10.10 -27.16 11.50
N VAL D 71 8.94 -27.77 11.29
CA VAL D 71 8.60 -28.45 10.04
C VAL D 71 7.35 -27.81 9.49
N CYS D 72 7.34 -27.53 8.19
CA CYS D 72 6.15 -27.00 7.51
C CYS D 72 5.26 -28.19 7.16
N GLU D 73 4.22 -28.42 7.96
CA GLU D 73 3.34 -29.56 7.76
C GLU D 73 2.35 -29.29 6.63
N ASP D 74 2.23 -30.25 5.73
CA ASP D 74 1.43 -30.06 4.53
C ASP D 74 -0.06 -29.99 4.88
N LEU D 75 -0.74 -28.99 4.33
CA LEU D 75 -2.18 -28.80 4.53
C LEU D 75 -3.00 -29.20 3.32
N ARG D 76 -2.38 -29.75 2.27
CA ARG D 76 -3.07 -30.16 1.05
C ARG D 76 -3.84 -29.01 0.40
N LYS D 77 -3.21 -27.84 0.37
CA LYS D 77 -3.74 -26.67 -0.32
C LYS D 77 -2.60 -26.01 -1.08
N LYS D 78 -2.96 -25.27 -2.12
CA LYS D 78 -1.96 -24.61 -2.95
C LYS D 78 -2.40 -23.20 -3.33
N GLU D 79 -1.42 -22.38 -3.67
CA GLU D 79 -1.68 -21.10 -4.32
C GLU D 79 -0.46 -20.77 -5.18
N ASP D 80 -0.69 -19.90 -6.16
CA ASP D 80 0.42 -19.47 -7.00
C ASP D 80 1.46 -18.71 -6.18
N CYS D 81 2.73 -18.97 -6.46
CA CYS D 81 3.84 -18.34 -5.75
C CYS D 81 4.96 -18.01 -6.72
N ARG D 82 5.84 -17.11 -6.31
CA ARG D 82 6.99 -16.82 -7.16
C ARG D 82 8.14 -16.26 -6.31
N LYS D 83 9.35 -16.46 -6.82
CA LYS D 83 10.55 -15.99 -6.14
C LYS D 83 10.91 -14.62 -6.67
N GLY D 84 11.24 -13.70 -5.75
CA GLY D 84 11.27 -12.28 -6.01
C GLY D 84 12.40 -11.74 -6.86
N ASN D 85 13.51 -12.48 -6.99
CA ASN D 85 14.77 -11.94 -7.54
C ASN D 85 15.37 -10.91 -6.58
N THR E 7 -13.52 12.22 5.10
CA THR E 7 -13.96 10.83 4.96
C THR E 7 -13.23 10.12 3.80
N SER E 8 -13.02 8.83 3.99
CA SER E 8 -12.42 7.94 3.00
C SER E 8 -13.50 7.20 2.19
N THR E 9 -14.49 7.96 1.73
CA THR E 9 -15.70 7.37 1.15
C THR E 9 -15.94 7.70 -0.32
N THR E 10 -15.06 8.47 -0.96
CA THR E 10 -15.28 8.85 -2.34
C THR E 10 -13.99 8.69 -3.13
N CYS E 11 -14.15 8.55 -4.44
CA CYS E 11 -13.02 8.46 -5.36
C CYS E 11 -13.27 9.38 -6.54
N CYS E 12 -12.19 9.83 -7.15
CA CYS E 12 -12.29 10.66 -8.33
C CYS E 12 -12.40 9.76 -9.56
N TYR E 13 -13.38 10.05 -10.40
CA TYR E 13 -13.55 9.30 -11.64
C TYR E 13 -12.82 9.97 -12.80
N ARG E 14 -12.97 11.29 -12.93
CA ARG E 14 -12.32 12.10 -13.95
C ARG E 14 -11.76 13.35 -13.26
N PHE E 15 -10.73 13.93 -13.87
CA PHE E 15 -10.04 15.11 -13.36
C PHE E 15 -10.42 16.34 -14.16
N ILE E 16 -10.36 17.51 -13.51
CA ILE E 16 -10.55 18.75 -14.24
C ILE E 16 -9.44 18.94 -15.27
N ASN E 17 -9.81 19.48 -16.44
CA ASN E 17 -8.88 19.63 -17.54
C ASN E 17 -8.02 20.89 -17.44
N LYS E 18 -8.54 21.95 -16.85
CA LYS E 18 -7.89 23.24 -16.88
C LYS E 18 -7.51 23.66 -15.47
N LYS E 19 -6.42 24.43 -15.38
CA LYS E 19 -6.00 24.99 -14.10
C LYS E 19 -7.15 25.75 -13.45
N ILE E 20 -7.34 25.53 -12.16
CA ILE E 20 -8.27 26.34 -11.35
C ILE E 20 -7.57 27.64 -10.98
N PRO E 21 -8.24 28.79 -11.08
CA PRO E 21 -7.61 30.04 -10.61
C PRO E 21 -7.26 29.99 -9.13
N LYS E 22 -6.01 30.35 -8.81
CA LYS E 22 -5.46 30.15 -7.48
C LYS E 22 -6.29 30.82 -6.39
N GLN E 23 -6.90 31.96 -6.68
CA GLN E 23 -7.65 32.71 -5.68
C GLN E 23 -8.93 32.00 -5.24
N ARG E 24 -9.44 31.07 -6.04
CA ARG E 24 -10.69 30.38 -5.73
C ARG E 24 -10.53 29.24 -4.74
N LEU E 25 -9.30 28.88 -4.37
CA LEU E 25 -9.03 27.66 -3.63
C LEU E 25 -8.93 27.91 -2.13
N GLU E 26 -9.48 26.99 -1.35
CA GLU E 26 -9.46 27.07 0.11
C GLU E 26 -8.54 26.04 0.75
N SER E 27 -8.56 24.80 0.26
CA SER E 27 -7.81 23.71 0.88
C SER E 27 -7.81 22.55 -0.12
N TYR E 28 -7.13 21.48 0.26
CA TYR E 28 -7.10 20.29 -0.59
C TYR E 28 -6.93 19.07 0.29
N ARG E 29 -7.30 17.91 -0.26
CA ARG E 29 -7.01 16.63 0.35
C ARG E 29 -6.64 15.61 -0.73
N ARG E 30 -6.08 14.49 -0.27
CA ARG E 30 -5.80 13.34 -1.12
C ARG E 30 -6.73 12.18 -0.83
N THR E 31 -6.86 11.29 -1.81
CA THR E 31 -7.73 10.13 -1.70
C THR E 31 -6.97 8.86 -1.35
N THR E 32 -5.75 8.99 -0.83
CA THR E 32 -4.89 7.83 -0.59
C THR E 32 -5.60 6.75 0.23
N SER E 33 -6.51 7.14 1.11
CA SER E 33 -7.10 6.20 2.06
C SER E 33 -8.18 5.31 1.46
N SER E 34 -8.74 5.69 0.30
CA SER E 34 -10.04 5.15 -0.11
C SER E 34 -9.94 3.99 -1.09
N HIS E 35 -8.74 3.45 -1.33
CA HIS E 35 -8.56 2.29 -2.21
C HIS E 35 -9.02 2.62 -3.64
N CYS E 36 -8.76 3.83 -4.08
CA CYS E 36 -9.28 4.33 -5.33
C CYS E 36 -8.46 3.86 -6.54
N PRO E 37 -9.09 3.78 -7.71
CA PRO E 37 -8.35 3.37 -8.91
C PRO E 37 -7.38 4.43 -9.42
N ARG E 38 -7.50 5.68 -8.96
CA ARG E 38 -6.62 6.76 -9.37
C ARG E 38 -6.18 7.53 -8.13
N GLU E 39 -4.88 7.81 -8.03
CA GLU E 39 -4.43 8.79 -7.05
C GLU E 39 -4.98 10.14 -7.46
N ALA E 40 -5.39 10.93 -6.47
CA ALA E 40 -6.08 12.17 -6.80
C ALA E 40 -5.80 13.24 -5.76
N VAL E 41 -5.96 14.48 -6.18
CA VAL E 41 -6.01 15.64 -5.30
C VAL E 41 -7.42 16.21 -5.39
N ILE E 42 -8.05 16.48 -4.26
CA ILE E 42 -9.36 17.09 -4.25
C ILE E 42 -9.24 18.47 -3.65
N PHE E 43 -9.38 19.49 -4.49
CA PHE E 43 -9.39 20.88 -4.04
C PHE E 43 -10.78 21.25 -3.56
N LYS E 44 -10.82 22.04 -2.48
CA LYS E 44 -12.05 22.61 -1.98
C LYS E 44 -12.05 24.09 -2.30
N THR E 45 -13.10 24.57 -2.96
CA THR E 45 -13.13 25.97 -3.32
C THR E 45 -13.66 26.79 -2.15
N LYS E 46 -13.52 28.11 -2.28
CA LYS E 46 -14.04 29.00 -1.25
C LYS E 46 -15.56 28.96 -1.19
N LEU E 47 -16.22 28.56 -2.27
CA LEU E 47 -17.66 28.30 -2.26
C LEU E 47 -17.97 26.86 -1.88
N ASP E 48 -17.00 26.14 -1.30
CA ASP E 48 -17.15 24.81 -0.73
C ASP E 48 -17.39 23.73 -1.77
N LYS E 49 -17.06 23.97 -3.03
CA LYS E 49 -17.13 22.93 -4.05
C LYS E 49 -15.86 22.08 -4.00
N GLU E 50 -16.02 20.78 -4.25
CA GLU E 50 -14.89 19.85 -4.28
C GLU E 50 -14.57 19.44 -5.70
N ILE E 51 -13.32 19.60 -6.10
CA ILE E 51 -12.93 19.46 -7.49
C ILE E 51 -11.79 18.45 -7.57
N CYS E 52 -11.99 17.39 -8.35
CA CYS E 52 -10.94 16.38 -8.56
C CYS E 52 -9.88 16.91 -9.53
N ALA E 53 -8.61 16.72 -9.18
CA ALA E 53 -7.51 17.21 -10.01
C ALA E 53 -6.41 16.17 -10.11
N ASP E 54 -5.66 16.24 -11.21
CA ASP E 54 -4.68 15.21 -11.56
C ASP E 54 -3.34 15.48 -10.86
N PRO E 55 -2.87 14.60 -9.97
CA PRO E 55 -1.62 14.87 -9.27
C PRO E 55 -0.38 14.90 -10.16
N THR E 56 -0.46 14.41 -11.40
CA THR E 56 0.69 14.46 -12.29
C THR E 56 0.89 15.84 -12.93
N GLN E 57 -0.05 16.77 -12.73
CA GLN E 57 0.05 18.09 -13.34
C GLN E 57 0.84 19.01 -12.43
N LYS E 58 1.78 19.77 -13.02
CA LYS E 58 2.62 20.67 -12.23
C LYS E 58 1.77 21.68 -11.45
N TRP E 59 0.71 22.21 -12.08
CA TRP E 59 -0.07 23.24 -11.42
C TRP E 59 -0.76 22.70 -10.17
N VAL E 60 -1.17 21.42 -10.19
CA VAL E 60 -1.79 20.84 -8.99
C VAL E 60 -0.76 20.75 -7.88
N GLN E 61 0.44 20.25 -8.20
CA GLN E 61 1.50 20.19 -7.21
C GLN E 61 1.85 21.59 -6.70
N ASP E 62 1.94 22.57 -7.61
CA ASP E 62 2.22 23.95 -7.18
C ASP E 62 1.16 24.49 -6.23
N PHE E 63 -0.11 24.24 -6.54
CA PHE E 63 -1.18 24.80 -5.72
C PHE E 63 -1.20 24.16 -4.34
N MET E 64 -0.87 22.87 -4.27
CA MET E 64 -0.73 22.18 -3.00
C MET E 64 0.32 22.86 -2.13
N LYS E 65 1.49 23.18 -2.71
CA LYS E 65 2.52 23.89 -1.95
C LYS E 65 2.01 25.25 -1.49
N HIS E 66 1.36 25.99 -2.40
CA HIS E 66 0.85 27.31 -2.04
C HIS E 66 -0.12 27.21 -0.87
N LEU E 67 -1.05 26.26 -0.94
CA LEU E 67 -2.02 26.09 0.13
C LEU E 67 -1.36 25.61 1.42
N ASP E 68 -0.34 24.77 1.32
CA ASP E 68 0.39 24.35 2.51
C ASP E 68 0.99 25.57 3.23
N LYS E 69 1.58 26.49 2.47
CA LYS E 69 2.34 27.59 3.05
C LYS E 69 1.48 28.73 3.62
N LYS E 70 0.22 28.87 3.21
CA LYS E 70 -0.56 30.02 3.64
C LYS E 70 -1.22 29.87 5.02
N THR E 71 -1.50 28.64 5.45
CA THR E 71 -2.13 28.38 6.74
C THR E 71 -1.10 27.88 7.74
N GLN E 72 -1.15 28.42 8.96
CA GLN E 72 -0.30 27.91 10.03
C GLN E 72 -0.84 26.58 10.54
N THR E 73 0.05 25.61 10.69
CA THR E 73 -0.35 24.32 11.22
C THR E 73 -0.22 24.37 12.74
N PRO E 74 -1.29 24.09 13.50
CA PRO E 74 -1.25 24.31 14.95
C PRO E 74 -0.26 23.36 15.60
N LYS E 75 0.42 23.83 16.62
CA LYS E 75 1.42 22.91 17.16
C LYS E 75 1.06 22.37 18.52
N LEU E 76 1.65 21.22 18.80
CA LEU E 76 1.39 20.48 20.01
C LEU E 76 2.66 20.46 20.87
N SER F 8 14.97 -9.23 -3.15
CA SER F 8 13.59 -9.18 -2.72
C SER F 8 13.06 -10.59 -2.43
N THR F 9 13.89 -11.41 -1.79
CA THR F 9 13.59 -12.81 -1.57
C THR F 9 13.56 -13.22 -0.11
N THR F 10 13.82 -12.31 0.84
CA THR F 10 13.80 -12.68 2.25
C THR F 10 13.04 -11.64 3.06
N CYS F 11 12.56 -12.08 4.22
CA CYS F 11 11.86 -11.21 5.18
C CYS F 11 12.40 -11.43 6.57
N CYS F 12 12.28 -10.40 7.41
CA CYS F 12 12.70 -10.48 8.80
C CYS F 12 11.58 -10.99 9.70
N TYR F 13 11.89 -11.98 10.52
CA TYR F 13 10.97 -12.60 11.47
C TYR F 13 11.06 -11.94 12.84
N ARG F 14 12.28 -11.70 13.34
CA ARG F 14 12.50 -10.97 14.58
C ARG F 14 13.63 -9.96 14.39
N PHE F 15 13.64 -8.91 15.22
CA PHE F 15 14.66 -7.86 15.16
C PHE F 15 15.67 -8.02 16.28
N ILE F 16 16.90 -7.55 16.05
CA ILE F 16 17.89 -7.49 17.11
C ILE F 16 17.40 -6.55 18.20
N ASN F 17 17.75 -6.88 19.45
CA ASN F 17 17.24 -6.17 20.62
C ASN F 17 18.05 -4.91 20.92
N LYS F 18 19.36 -4.95 20.70
CA LYS F 18 20.27 -3.90 21.11
C LYS F 18 21.02 -3.35 19.92
N LYS F 19 21.46 -2.09 20.03
CA LYS F 19 22.30 -1.48 19.01
C LYS F 19 23.50 -2.33 18.65
N ILE F 20 23.77 -2.46 17.36
CA ILE F 20 25.01 -3.04 16.89
C ILE F 20 26.10 -1.98 16.97
N PRO F 21 27.29 -2.27 17.52
CA PRO F 21 28.36 -1.26 17.49
C PRO F 21 28.70 -0.87 16.06
N LYS F 22 28.77 0.45 15.83
CA LYS F 22 28.87 0.97 14.47
C LYS F 22 30.08 0.44 13.73
N GLN F 23 31.17 0.12 14.45
CA GLN F 23 32.39 -0.32 13.80
C GLN F 23 32.21 -1.64 13.07
N ARG F 24 31.20 -2.42 13.45
CA ARG F 24 30.96 -3.73 12.87
C ARG F 24 30.21 -3.68 11.54
N LEU F 25 29.66 -2.53 11.14
CA LEU F 25 28.74 -2.47 10.01
C LEU F 25 29.41 -2.11 8.71
N GLU F 26 28.96 -2.74 7.63
CA GLU F 26 29.48 -2.52 6.29
C GLU F 26 28.48 -1.82 5.38
N SER F 27 27.21 -2.22 5.43
CA SER F 27 26.18 -1.74 4.52
C SER F 27 24.83 -2.16 5.09
N TYR F 28 23.76 -1.79 4.39
CA TYR F 28 22.43 -2.21 4.77
C TYR F 28 21.53 -2.25 3.54
N ARG F 29 20.42 -2.96 3.67
CA ARG F 29 19.35 -2.96 2.68
C ARG F 29 18.03 -2.96 3.42
N ARG F 30 16.96 -2.68 2.69
CA ARG F 30 15.63 -2.70 3.29
C ARG F 30 14.76 -3.69 2.53
N THR F 31 13.72 -4.19 3.18
CA THR F 31 12.81 -5.16 2.55
N HIS F 35 7.41 -8.02 0.31
CA HIS F 35 6.02 -8.24 0.66
C HIS F 35 5.92 -8.75 2.09
N CYS F 36 6.82 -8.25 2.94
CA CYS F 36 6.98 -8.82 4.26
C CYS F 36 5.92 -8.32 5.22
N PRO F 37 5.59 -9.12 6.25
CA PRO F 37 4.60 -8.66 7.23
C PRO F 37 5.13 -7.57 8.13
N ARG F 38 6.44 -7.34 8.14
CA ARG F 38 7.08 -6.34 8.98
C ARG F 38 8.08 -5.57 8.13
N GLU F 39 8.02 -4.23 8.19
CA GLU F 39 9.07 -3.42 7.59
C GLU F 39 10.38 -3.72 8.31
N ALA F 40 11.49 -3.75 7.57
CA ALA F 40 12.73 -4.13 8.21
C ALA F 40 13.92 -3.45 7.55
N VAL F 41 14.98 -3.31 8.34
CA VAL F 41 16.31 -2.96 7.86
C VAL F 41 17.20 -4.17 8.08
N ILE F 42 17.98 -4.53 7.08
CA ILE F 42 18.94 -5.65 7.19
C ILE F 42 20.35 -5.09 7.10
N PHE F 43 21.06 -5.10 8.22
CA PHE F 43 22.47 -4.71 8.26
C PHE F 43 23.39 -5.87 7.87
N LYS F 44 24.46 -5.55 7.15
CA LYS F 44 25.51 -6.52 6.84
C LYS F 44 26.78 -6.14 7.60
N THR F 45 27.31 -7.07 8.38
CA THR F 45 28.51 -6.78 9.15
C THR F 45 29.76 -6.99 8.29
N LYS F 46 30.92 -6.62 8.86
CA LYS F 46 32.18 -6.81 8.15
C LYS F 46 32.50 -8.29 7.95
N LEU F 47 31.97 -9.15 8.82
CA LEU F 47 32.10 -10.59 8.63
C LEU F 47 30.98 -11.15 7.76
N ASP F 48 30.26 -10.27 7.04
CA ASP F 48 29.25 -10.65 6.05
C ASP F 48 28.01 -11.29 6.68
N LYS F 49 27.78 -11.07 7.98
CA LYS F 49 26.56 -11.53 8.63
C LYS F 49 25.45 -10.53 8.36
N GLU F 50 24.23 -11.04 8.18
CA GLU F 50 23.06 -10.18 7.97
C GLU F 50 22.17 -10.22 9.20
N ILE F 51 21.80 -9.05 9.69
CA ILE F 51 21.08 -8.90 10.94
C ILE F 51 19.86 -8.04 10.68
N CYS F 52 18.68 -8.56 11.02
CA CYS F 52 17.44 -7.82 10.94
C CYS F 52 17.34 -6.79 12.06
N ALA F 53 16.93 -5.57 11.72
CA ALA F 53 16.80 -4.48 12.69
C ALA F 53 15.55 -3.63 12.42
N ASP F 54 15.10 -2.93 13.47
CA ASP F 54 13.82 -2.19 13.48
C ASP F 54 13.96 -0.82 12.82
N PRO F 55 13.28 -0.55 11.70
CA PRO F 55 13.48 0.74 11.00
C PRO F 55 13.00 1.96 11.78
N THR F 56 12.15 1.77 12.81
CA THR F 56 11.66 2.91 13.57
C THR F 56 12.62 3.34 14.66
N GLN F 57 13.67 2.57 14.92
CA GLN F 57 14.57 2.89 16.02
C GLN F 57 15.59 3.91 15.55
N LYS F 58 15.83 4.92 16.40
CA LYS F 58 16.70 6.01 16.00
C LYS F 58 18.08 5.52 15.60
N TRP F 59 18.65 4.59 16.37
CA TRP F 59 20.02 4.17 16.05
C TRP F 59 20.09 3.53 14.67
N VAL F 60 19.01 2.85 14.28
CA VAL F 60 18.95 2.26 12.95
C VAL F 60 18.93 3.35 11.89
N GLN F 61 18.10 4.38 12.09
CA GLN F 61 18.05 5.48 11.14
C GLN F 61 19.38 6.21 11.05
N ASP F 62 20.01 6.48 12.20
CA ASP F 62 21.32 7.14 12.19
C ASP F 62 22.36 6.32 11.43
N PHE F 63 22.35 5.00 11.63
CA PHE F 63 23.35 4.16 10.96
C PHE F 63 23.13 4.16 9.46
N MET F 64 21.86 4.14 9.03
CA MET F 64 21.55 4.21 7.61
C MET F 64 22.09 5.48 6.98
N LYS F 65 21.87 6.62 7.65
CA LYS F 65 22.39 7.89 7.16
C LYS F 65 23.92 7.86 7.07
N HIS F 66 24.57 7.32 8.10
CA HIS F 66 26.03 7.25 8.09
C HIS F 66 26.55 6.43 6.92
N LEU F 67 25.99 5.22 6.73
CA LEU F 67 26.45 4.39 5.62
C LEU F 67 26.09 5.01 4.27
N ASP F 68 24.96 5.73 4.22
CA ASP F 68 24.58 6.46 3.01
C ASP F 68 25.68 7.45 2.59
N LYS F 69 26.31 8.11 3.57
CA LYS F 69 27.25 9.17 3.25
C LYS F 69 28.53 8.65 2.62
N LYS F 70 28.77 7.33 2.65
CA LYS F 70 30.01 6.80 2.10
C LYS F 70 29.95 6.73 0.58
N THR F 71 28.77 6.56 0.01
CA THR F 71 28.59 6.55 -1.43
C THR F 71 27.97 7.87 -1.83
N GLN F 72 28.57 8.53 -2.81
CA GLN F 72 27.96 9.70 -3.43
C GLN F 72 26.90 9.20 -4.40
N THR F 73 25.71 9.72 -4.27
CA THR F 73 24.61 9.40 -5.16
C THR F 73 24.86 9.88 -6.59
N PRO F 74 24.87 8.97 -7.58
CA PRO F 74 25.29 9.33 -8.94
C PRO F 74 24.31 10.24 -9.65
N LYS F 75 24.86 11.11 -10.51
CA LYS F 75 24.04 12.00 -11.32
C LYS F 75 24.15 11.61 -12.80
CA SER G 8 7.86 -2.59 -12.51
C SER G 8 8.45 -1.26 -12.96
N THR G 9 8.53 -1.04 -14.27
CA THR G 9 9.22 0.12 -14.83
C THR G 9 8.35 1.01 -15.70
N THR G 10 7.08 0.68 -15.92
CA THR G 10 6.21 1.48 -16.78
C THR G 10 4.86 1.67 -16.12
N CYS G 11 4.17 2.73 -16.55
CA CYS G 11 2.84 3.04 -16.06
C CYS G 11 1.92 3.34 -17.22
N CYS G 12 0.62 3.13 -17.03
CA CYS G 12 -0.36 3.43 -18.06
C CYS G 12 -0.81 4.86 -17.96
N TYR G 13 -0.77 5.56 -19.09
CA TYR G 13 -1.19 6.95 -19.12
C TYR G 13 -2.66 7.06 -19.50
N ARG G 14 -3.06 6.35 -20.55
CA ARG G 14 -4.44 6.31 -21.01
C ARG G 14 -4.82 4.86 -21.25
N PHE G 15 -6.10 4.55 -21.18
CA PHE G 15 -6.60 3.20 -21.37
C PHE G 15 -7.28 3.06 -22.71
N ILE G 16 -7.27 1.83 -23.27
CA ILE G 16 -7.99 1.57 -24.50
C ILE G 16 -9.49 1.76 -24.27
N ASN G 17 -10.18 2.31 -25.28
CA ASN G 17 -11.58 2.69 -25.14
C ASN G 17 -12.55 1.54 -25.38
N LYS G 18 -12.18 0.58 -26.22
CA LYS G 18 -13.10 -0.47 -26.64
C LYS G 18 -12.57 -1.83 -26.20
N LYS G 19 -13.49 -2.76 -25.97
CA LYS G 19 -13.13 -4.13 -25.66
C LYS G 19 -12.21 -4.72 -26.73
N ILE G 20 -11.13 -5.36 -26.29
CA ILE G 20 -10.31 -6.16 -27.21
C ILE G 20 -10.97 -7.52 -27.40
N PRO G 21 -11.08 -8.03 -28.62
CA PRO G 21 -11.58 -9.39 -28.81
C PRO G 21 -10.74 -10.41 -28.05
N LYS G 22 -11.42 -11.28 -27.30
CA LYS G 22 -10.74 -12.17 -26.36
C LYS G 22 -9.76 -13.10 -27.05
N GLN G 23 -10.02 -13.47 -28.31
CA GLN G 23 -9.13 -14.39 -29.02
C GLN G 23 -7.75 -13.78 -29.29
N ARG G 24 -7.65 -12.45 -29.30
CA ARG G 24 -6.38 -11.78 -29.57
C ARG G 24 -5.46 -11.74 -28.36
N LEU G 25 -5.94 -12.17 -27.19
CA LEU G 25 -5.24 -11.98 -25.93
C LEU G 25 -4.44 -13.21 -25.56
N GLU G 26 -3.23 -12.98 -25.04
CA GLU G 26 -2.34 -14.03 -24.58
C GLU G 26 -2.13 -14.04 -23.08
N SER G 27 -2.02 -12.87 -22.44
CA SER G 27 -1.70 -12.79 -21.01
C SER G 27 -1.97 -11.36 -20.55
N TYR G 28 -1.76 -11.13 -19.26
CA TYR G 28 -1.90 -9.79 -18.71
C TYR G 28 -1.04 -9.65 -17.48
N ARG G 29 -0.77 -8.41 -17.10
CA ARG G 29 -0.11 -8.07 -15.85
C ARG G 29 -0.71 -6.78 -15.32
N ARG G 30 -0.45 -6.52 -14.03
CA ARG G 30 -0.85 -5.29 -13.36
C ARG G 30 0.37 -4.44 -13.07
N THR G 31 0.14 -3.16 -12.76
CA THR G 31 1.21 -2.25 -12.41
C THR G 31 1.29 -1.97 -10.92
N THR G 32 0.79 -2.91 -10.09
CA THR G 32 0.68 -2.70 -8.65
C THR G 32 2.00 -2.23 -8.04
N SER G 33 3.11 -2.76 -8.53
CA SER G 33 4.42 -2.59 -7.93
C SER G 33 5.17 -1.37 -8.45
N SER G 34 4.67 -0.72 -9.51
CA SER G 34 5.44 0.32 -10.17
C SER G 34 5.16 1.72 -9.63
N HIS G 35 4.32 1.87 -8.59
CA HIS G 35 4.04 3.15 -7.94
C HIS G 35 3.32 4.13 -8.89
N CYS G 36 2.42 3.60 -9.71
CA CYS G 36 1.79 4.38 -10.77
C CYS G 36 0.65 5.25 -10.24
N PRO G 37 0.36 6.37 -10.92
CA PRO G 37 -0.77 7.21 -10.49
C PRO G 37 -2.13 6.60 -10.75
N ARG G 38 -2.22 5.58 -11.61
CA ARG G 38 -3.47 4.90 -11.97
C ARG G 38 -3.24 3.40 -11.87
N GLU G 39 -4.16 2.69 -11.21
CA GLU G 39 -4.15 1.24 -11.30
C GLU G 39 -4.48 0.84 -12.73
N ALA G 40 -3.83 -0.21 -13.22
CA ALA G 40 -3.98 -0.55 -14.62
C ALA G 40 -3.83 -2.05 -14.82
N VAL G 41 -4.43 -2.53 -15.91
CA VAL G 41 -4.18 -3.87 -16.41
C VAL G 41 -3.51 -3.71 -17.77
N ILE G 42 -2.42 -4.43 -17.98
CA ILE G 42 -1.73 -4.42 -19.27
C ILE G 42 -1.90 -5.80 -19.88
N PHE G 43 -2.69 -5.88 -20.94
CA PHE G 43 -2.84 -7.11 -21.72
C PHE G 43 -1.72 -7.24 -22.73
N LYS G 44 -1.26 -8.47 -22.95
CA LYS G 44 -0.32 -8.79 -24.01
C LYS G 44 -1.06 -9.57 -25.08
N THR G 45 -1.01 -9.09 -26.31
CA THR G 45 -1.71 -9.71 -27.42
C THR G 45 -0.90 -10.87 -28.01
N LYS G 46 -1.54 -11.64 -28.89
CA LYS G 46 -0.88 -12.76 -29.54
C LYS G 46 0.25 -12.30 -30.46
N LEU G 47 0.16 -11.07 -30.99
CA LEU G 47 1.25 -10.47 -31.75
C LEU G 47 2.22 -9.68 -30.87
N ASP G 48 2.20 -9.92 -29.55
CA ASP G 48 3.17 -9.41 -28.58
C ASP G 48 3.08 -7.91 -28.30
N LYS G 49 1.93 -7.28 -28.58
CA LYS G 49 1.70 -5.90 -28.17
C LYS G 49 1.17 -5.84 -26.74
N GLU G 50 1.59 -4.82 -25.98
CA GLU G 50 1.15 -4.60 -24.61
C GLU G 50 0.19 -3.42 -24.58
N ILE G 51 -1.00 -3.62 -24.01
CA ILE G 51 -2.10 -2.68 -24.15
C ILE G 51 -2.67 -2.32 -22.77
N CYS G 52 -2.73 -1.02 -22.47
CA CYS G 52 -3.26 -0.55 -21.20
C CYS G 52 -4.78 -0.62 -21.17
N ALA G 53 -5.35 -1.17 -20.08
CA ALA G 53 -6.80 -1.30 -19.97
C ALA G 53 -7.26 -0.91 -18.57
N ASP G 54 -8.51 -0.44 -18.49
CA ASP G 54 -9.06 0.18 -17.27
C ASP G 54 -9.59 -0.90 -16.34
N PRO G 55 -9.02 -1.07 -15.14
CA PRO G 55 -9.49 -2.15 -14.26
C PRO G 55 -10.92 -1.96 -13.76
N THR G 56 -11.52 -0.77 -13.90
CA THR G 56 -12.91 -0.61 -13.46
C THR G 56 -13.91 -1.16 -14.47
N GLN G 57 -13.47 -1.60 -15.64
CA GLN G 57 -14.36 -2.13 -16.67
C GLN G 57 -14.63 -3.62 -16.49
N LYS G 58 -15.91 -4.02 -16.62
CA LYS G 58 -16.27 -5.42 -16.49
C LYS G 58 -15.51 -6.31 -17.47
N TRP G 59 -15.38 -5.87 -18.73
CA TRP G 59 -14.75 -6.75 -19.72
C TRP G 59 -13.30 -7.01 -19.35
N VAL G 60 -12.63 -6.03 -18.74
CA VAL G 60 -11.25 -6.21 -18.31
C VAL G 60 -11.19 -7.25 -17.19
N GLN G 61 -12.08 -7.11 -16.20
CA GLN G 61 -12.12 -8.07 -15.10
C GLN G 61 -12.48 -9.47 -15.61
N ASP G 62 -13.47 -9.56 -16.50
CA ASP G 62 -13.84 -10.87 -17.06
C ASP G 62 -12.68 -11.52 -17.80
N PHE G 63 -11.96 -10.74 -18.60
CA PHE G 63 -10.88 -11.29 -19.40
C PHE G 63 -9.73 -11.79 -18.53
N MET G 64 -9.44 -11.07 -17.44
CA MET G 64 -8.43 -11.54 -16.51
C MET G 64 -8.81 -12.90 -15.93
N LYS G 65 -10.07 -13.05 -15.53
CA LYS G 65 -10.53 -14.35 -15.01
C LYS G 65 -10.36 -15.43 -16.06
N HIS G 66 -10.74 -15.13 -17.31
CA HIS G 66 -10.60 -16.09 -18.39
C HIS G 66 -9.14 -16.49 -18.60
N LEU G 67 -8.24 -15.49 -18.62
CA LEU G 67 -6.82 -15.77 -18.79
C LEU G 67 -6.24 -16.51 -17.60
N ASP G 68 -6.73 -16.20 -16.39
CA ASP G 68 -6.32 -16.94 -15.19
C ASP G 68 -6.62 -18.43 -15.30
N LYS G 69 -7.84 -18.78 -15.71
CA LYS G 69 -8.21 -20.20 -15.72
C LYS G 69 -7.61 -20.95 -16.90
N LYS G 70 -7.17 -20.22 -17.92
CA LYS G 70 -6.65 -20.79 -19.15
C LYS G 70 -5.18 -21.18 -19.07
N THR G 71 -4.42 -20.59 -18.16
CA THR G 71 -2.98 -20.78 -18.16
C THR G 71 -2.58 -21.92 -17.21
N GLN G 72 -1.74 -22.81 -17.73
CA GLN G 72 -1.12 -23.85 -16.93
C GLN G 72 0.05 -23.27 -16.16
N THR G 73 0.09 -23.56 -14.86
CA THR G 73 1.15 -23.10 -13.98
C THR G 73 1.84 -24.30 -13.34
N PRO G 74 3.16 -24.42 -13.44
CA PRO G 74 3.81 -25.64 -12.96
C PRO G 74 3.70 -25.79 -11.45
N LYS G 75 3.45 -27.04 -11.03
CA LYS G 75 3.33 -27.40 -9.63
C LYS G 75 4.71 -27.69 -9.03
N LEU G 76 4.89 -27.30 -7.78
CA LEU G 76 6.11 -27.62 -7.07
C LEU G 76 5.76 -28.48 -5.86
N THR H 7 -11.12 3.93 14.55
CA THR H 7 -10.65 2.55 14.51
C THR H 7 -9.28 2.46 13.84
N SER H 8 -8.92 3.50 13.07
CA SER H 8 -7.61 3.59 12.45
C SER H 8 -6.65 4.43 13.29
N THR H 9 -6.74 4.33 14.61
CA THR H 9 -6.00 5.22 15.48
C THR H 9 -5.01 4.45 16.35
N THR H 10 -4.96 3.13 16.24
CA THR H 10 -4.07 2.33 17.07
C THR H 10 -3.38 1.28 16.19
N CYS H 11 -2.22 0.81 16.66
CA CYS H 11 -1.47 -0.24 15.98
C CYS H 11 -1.03 -1.29 16.98
N CYS H 12 -0.84 -2.54 16.51
CA CYS H 12 -0.38 -3.59 17.38
C CYS H 12 1.14 -3.58 17.47
N TYR H 13 1.65 -3.62 18.70
CA TYR H 13 3.10 -3.68 18.85
C TYR H 13 3.59 -5.12 18.98
N ARG H 14 2.92 -5.92 19.80
CA ARG H 14 3.25 -7.32 20.03
C ARG H 14 1.99 -8.16 19.87
N PHE H 15 2.17 -9.42 19.50
CA PHE H 15 1.04 -10.33 19.32
C PHE H 15 0.97 -11.29 20.50
N ILE H 16 -0.25 -11.73 20.82
CA ILE H 16 -0.41 -12.76 21.84
C ILE H 16 0.27 -14.05 21.39
N ASN H 17 0.87 -14.75 22.36
CA ASN H 17 1.68 -15.93 22.08
C ASN H 17 0.83 -17.20 21.97
N LYS H 18 -0.30 -17.28 22.68
CA LYS H 18 -1.10 -18.49 22.73
C LYS H 18 -2.49 -18.23 22.19
N LYS H 19 -3.09 -19.27 21.63
CA LYS H 19 -4.47 -19.24 21.17
C LYS H 19 -5.40 -18.75 22.29
N ILE H 20 -6.29 -17.82 21.95
CA ILE H 20 -7.36 -17.39 22.86
C ILE H 20 -8.48 -18.43 22.86
N PRO H 21 -9.06 -18.79 24.00
CA PRO H 21 -10.21 -19.71 23.99
C PRO H 21 -11.37 -19.13 23.18
N LYS H 22 -11.89 -19.95 22.28
CA LYS H 22 -12.87 -19.50 21.29
C LYS H 22 -14.10 -18.88 21.95
N GLN H 23 -14.47 -19.37 23.13
CA GLN H 23 -15.68 -18.93 23.80
C GLN H 23 -15.60 -17.49 24.28
N ARG H 24 -14.41 -16.95 24.47
CA ARG H 24 -14.25 -15.61 25.01
C ARG H 24 -14.39 -14.53 23.93
N LEU H 25 -14.51 -14.92 22.67
CA LEU H 25 -14.39 -13.97 21.56
C LEU H 25 -15.76 -13.44 21.14
N GLU H 26 -15.80 -12.14 20.84
CA GLU H 26 -17.01 -11.49 20.36
C GLU H 26 -16.90 -11.03 18.92
N SER H 27 -15.75 -10.52 18.49
CA SER H 27 -15.58 -9.93 17.17
C SER H 27 -14.09 -9.74 16.93
N TYR H 28 -13.75 -9.24 15.73
CA TYR H 28 -12.38 -8.91 15.40
C TYR H 28 -12.38 -7.79 14.39
N ARG H 29 -11.24 -7.12 14.29
CA ARG H 29 -10.98 -6.11 13.27
C ARG H 29 -9.53 -6.26 12.84
N ARG H 30 -9.17 -5.60 11.74
CA ARG H 30 -7.77 -5.65 11.28
C ARG H 30 -7.07 -4.29 11.35
N THR H 31 -5.73 -4.32 11.34
CA THR H 31 -4.92 -3.10 11.42
N SER H 34 1.62 0.44 4.22
CA SER H 34 0.71 -0.16 5.19
C SER H 34 -0.04 0.91 5.98
N HIS H 35 0.62 1.37 7.05
CA HIS H 35 0.15 2.32 8.07
C HIS H 35 0.88 1.92 9.35
N CYS H 36 0.47 0.77 9.90
CA CYS H 36 1.11 0.22 11.07
C CYS H 36 2.35 -0.54 10.61
N PRO H 37 3.36 -0.69 11.47
CA PRO H 37 4.55 -1.44 11.06
C PRO H 37 4.29 -2.93 10.92
N ARG H 38 3.15 -3.43 11.40
CA ARG H 38 2.78 -4.84 11.31
C ARG H 38 1.30 -4.97 10.95
N GLU H 39 0.97 -5.79 9.94
CA GLU H 39 -0.43 -6.17 9.79
C GLU H 39 -0.87 -6.97 11.01
N ALA H 40 -2.11 -6.77 11.43
CA ALA H 40 -2.54 -7.35 12.68
C ALA H 40 -4.02 -7.70 12.61
N VAL H 41 -4.41 -8.62 13.49
CA VAL H 41 -5.79 -8.91 13.80
C VAL H 41 -5.99 -8.53 15.26
N ILE H 42 -7.06 -7.76 15.56
CA ILE H 42 -7.40 -7.39 16.92
C ILE H 42 -8.72 -8.07 17.29
N PHE H 43 -8.66 -9.07 18.16
CA PHE H 43 -9.87 -9.71 18.66
C PHE H 43 -10.46 -8.88 19.79
N LYS H 44 -11.77 -8.76 19.83
CA LYS H 44 -12.48 -8.15 20.95
C LYS H 44 -13.20 -9.25 21.72
N THR H 45 -12.96 -9.33 23.03
CA THR H 45 -13.59 -10.32 23.88
C THR H 45 -14.94 -9.83 24.40
N LYS H 46 -15.68 -10.75 25.01
CA LYS H 46 -16.96 -10.40 25.62
C LYS H 46 -16.83 -9.47 26.82
N LEU H 47 -15.69 -9.45 27.51
CA LEU H 47 -15.45 -8.44 28.53
C LEU H 47 -14.81 -7.18 27.92
N ASP H 48 -14.88 -7.03 26.60
CA ASP H 48 -14.48 -5.83 25.86
C ASP H 48 -12.97 -5.60 25.86
N LYS H 49 -12.16 -6.62 26.10
CA LYS H 49 -10.72 -6.46 25.94
C LYS H 49 -10.37 -6.60 24.46
N GLU H 50 -9.39 -5.82 24.02
CA GLU H 50 -8.87 -5.90 22.65
C GLU H 50 -7.50 -6.56 22.65
N ILE H 51 -7.32 -7.60 21.85
CA ILE H 51 -6.11 -8.44 21.92
C ILE H 51 -5.50 -8.50 20.53
N CYS H 52 -4.23 -8.09 20.41
CA CYS H 52 -3.51 -8.19 19.15
C CYS H 52 -3.07 -9.62 18.88
N ALA H 53 -3.27 -10.08 17.64
CA ALA H 53 -2.92 -11.44 17.25
C ALA H 53 -2.24 -11.44 15.89
N ASP H 54 -1.43 -12.47 15.68
CA ASP H 54 -0.56 -12.56 14.51
C ASP H 54 -1.35 -13.15 13.35
N PRO H 55 -1.63 -12.38 12.29
CA PRO H 55 -2.43 -12.94 11.19
C PRO H 55 -1.74 -14.08 10.45
N THR H 56 -0.44 -14.31 10.68
CA THR H 56 0.26 -15.44 10.07
C THR H 56 0.03 -16.75 10.82
N GLN H 57 -0.64 -16.71 11.98
CA GLN H 57 -0.89 -17.91 12.77
C GLN H 57 -2.20 -18.56 12.33
N LYS H 58 -2.17 -19.88 12.17
CA LYS H 58 -3.33 -20.61 11.66
C LYS H 58 -4.56 -20.42 12.54
N TRP H 59 -4.39 -20.45 13.86
CA TRP H 59 -5.54 -20.34 14.76
C TRP H 59 -6.22 -18.98 14.62
N VAL H 60 -5.45 -17.94 14.28
CA VAL H 60 -6.03 -16.61 14.09
C VAL H 60 -6.97 -16.63 12.89
N GLN H 61 -6.52 -17.24 11.79
CA GLN H 61 -7.32 -17.36 10.58
C GLN H 61 -8.59 -18.17 10.83
N ASP H 62 -8.45 -19.30 11.52
CA ASP H 62 -9.62 -20.13 11.82
C ASP H 62 -10.63 -19.36 12.65
N PHE H 63 -10.16 -18.60 13.64
CA PHE H 63 -11.08 -17.89 14.53
C PHE H 63 -11.82 -16.78 13.80
N MET H 64 -11.14 -16.08 12.89
CA MET H 64 -11.81 -15.09 12.06
C MET H 64 -12.92 -15.72 11.24
N LYS H 65 -12.63 -16.88 10.62
CA LYS H 65 -13.67 -17.58 9.88
C LYS H 65 -14.83 -17.94 10.77
N HIS H 66 -14.53 -18.45 11.97
CA HIS H 66 -15.59 -18.82 12.91
C HIS H 66 -16.46 -17.62 13.27
N LEU H 67 -15.83 -16.47 13.58
CA LEU H 67 -16.61 -15.28 13.91
C LEU H 67 -17.37 -14.74 12.70
N ASP H 68 -16.79 -14.85 11.50
CA ASP H 68 -17.55 -14.47 10.31
C ASP H 68 -18.81 -15.31 10.18
N LYS H 69 -18.70 -16.62 10.42
CA LYS H 69 -19.81 -17.55 10.23
C LYS H 69 -20.84 -17.47 11.35
N LYS H 70 -20.55 -16.76 12.44
CA LYS H 70 -21.45 -16.77 13.58
C LYS H 70 -22.70 -15.92 13.34
N THR H 71 -22.55 -14.82 12.60
CA THR H 71 -23.62 -13.91 12.23
C THR H 71 -23.90 -13.95 10.74
N GLN H 72 -25.17 -13.78 10.37
CA GLN H 72 -25.51 -13.56 8.97
C GLN H 72 -25.07 -12.17 8.53
N THR H 73 -24.53 -12.07 7.32
CA THR H 73 -24.05 -10.78 6.85
C THR H 73 -25.20 -9.91 6.37
N PRO H 74 -25.31 -8.68 6.87
CA PRO H 74 -26.50 -7.85 6.64
C PRO H 74 -26.74 -7.51 5.17
N LYS H 75 -28.03 -7.30 4.86
CA LYS H 75 -28.54 -6.87 3.56
C LYS H 75 -28.20 -7.85 2.45
#